data_5WQK
#
_entry.id   5WQK
#
_cell.length_a   37.328
_cell.length_b   149.686
_cell.length_c   54.013
_cell.angle_alpha   90.00
_cell.angle_beta   110.08
_cell.angle_gamma   90.00
#
_symmetry.space_group_name_H-M   'P 1 21 1'
#
loop_
_entity.id
_entity.type
_entity.pdbx_description
1 polymer Sulfurtransferase
2 non-polymer 4-methyl-2-(2-naphthalen-1-yl-2-oxidanylidene-ethyl)sulfanyl-1~{H}-pyrimidin-6-one
3 non-polymer 'SODIUM ION'
4 water water
#
_entity_poly.entity_id   1
_entity_poly.type   'polypeptide(L)'
_entity_poly.pdbx_seq_one_letter_code
;QLFRALVSAQWVAEALKAPRSSQPLKLLDASWYLPKLGRDARREFEERHIPGAAFFDIDRSSDHTSPYDHMLPNATHFAD
YAGSLGVSAATHVVIYDGSDQGLYSAPRVWWMFRAFGHHSVSLLDGGFRHWLNQNLPISSGKSHSEPAEFSAQLDPSFIK
THEDILENLDARRFQVVDARAAGRFQGTQPEPRDGIEPGHIPGSVNIPFTEFLTNEGLEKSPEEIKRLFKEKKVDLSKPL
VAT(CSS)GSGVTASHVVLGAFLSGKSDVPVYDGSWVEWYMRAQPEHIISEGRGKTQ
;
_entity_poly.pdbx_strand_id   A,B
#
# COMPACT_ATOMS: atom_id res chain seq x y z
N GLN A 1 27.40 -12.84 -16.98
CA GLN A 1 27.18 -11.39 -16.83
C GLN A 1 26.37 -11.07 -15.58
N LEU A 2 26.58 -11.86 -14.57
CA LEU A 2 26.10 -11.54 -13.23
C LEU A 2 27.16 -11.74 -12.20
N PHE A 3 27.15 -10.86 -11.20
CA PHE A 3 28.03 -11.03 -10.09
C PHE A 3 27.69 -12.34 -9.34
N ARG A 4 28.72 -13.10 -8.95
CA ARG A 4 28.45 -14.41 -8.37
C ARG A 4 27.53 -14.36 -7.17
N ALA A 5 26.57 -15.26 -7.14
CA ALA A 5 25.63 -15.30 -6.02
C ALA A 5 26.06 -16.18 -4.88
N LEU A 6 26.93 -17.13 -5.14
CA LEU A 6 27.42 -18.07 -4.12
C LEU A 6 28.93 -18.01 -4.00
N VAL A 7 29.42 -17.99 -2.76
CA VAL A 7 30.81 -18.26 -2.46
C VAL A 7 30.85 -19.40 -1.45
N SER A 8 31.97 -20.13 -1.42
CA SER A 8 32.07 -21.31 -0.60
C SER A 8 32.70 -20.96 0.77
N ALA A 9 32.54 -21.82 1.75
CA ALA A 9 33.18 -21.60 3.04
C ALA A 9 34.74 -21.49 2.87
N GLN A 10 35.29 -22.37 2.05
CA GLN A 10 36.72 -22.30 1.72
C GLN A 10 37.15 -20.97 1.12
N TRP A 11 36.35 -20.45 0.18
CA TRP A 11 36.64 -19.15 -0.39
C TRP A 11 36.66 -18.09 0.71
N VAL A 12 35.69 -18.17 1.64
CA VAL A 12 35.59 -17.14 2.70
C VAL A 12 36.80 -17.20 3.66
N ALA A 13 37.12 -18.40 4.13
CA ALA A 13 38.26 -18.62 5.01
C ALA A 13 39.56 -18.07 4.36
N GLU A 14 39.68 -18.23 3.06
CA GLU A 14 40.90 -17.74 2.36
C GLU A 14 40.94 -16.25 2.30
N ALA A 15 39.78 -15.66 2.03
CA ALA A 15 39.66 -14.20 2.01
C ALA A 15 39.94 -13.56 3.35
N LEU A 16 39.58 -14.24 4.43
CA LEU A 16 39.84 -13.70 5.77
C LEU A 16 41.35 -13.60 6.02
N LYS A 17 42.08 -14.55 5.45
CA LYS A 17 43.56 -14.55 5.53
C LYS A 17 44.27 -13.69 4.45
N ALA A 18 43.59 -13.29 3.39
CA ALA A 18 44.16 -12.53 2.27
C ALA A 18 43.23 -11.37 1.89
N PRO A 19 43.11 -10.38 2.77
CA PRO A 19 42.05 -9.41 2.49
C PRO A 19 42.36 -8.51 1.32
N ARG A 20 41.32 -8.02 0.64
CA ARG A 20 41.50 -7.30 -0.58
C ARG A 20 41.09 -5.85 -0.38
N SER A 21 42.10 -5.01 -0.17
CA SER A 21 41.92 -3.58 0.08
C SER A 21 40.92 -2.81 -0.82
N SER A 22 40.94 -3.05 -2.14
CA SER A 22 40.06 -2.29 -3.05
C SER A 22 38.65 -2.83 -3.05
N GLN A 23 38.52 -4.05 -2.59
CA GLN A 23 37.20 -4.64 -2.54
C GLN A 23 37.11 -5.34 -1.22
N PRO A 24 36.78 -4.57 -0.22
CA PRO A 24 36.70 -5.18 1.08
C PRO A 24 35.55 -6.14 1.26
N LEU A 25 35.73 -7.13 2.07
CA LEU A 25 34.72 -8.12 2.28
C LEU A 25 33.96 -7.73 3.54
N LYS A 26 32.65 -7.59 3.46
CA LYS A 26 31.85 -7.52 4.68
C LYS A 26 30.99 -8.78 4.79
N LEU A 27 31.22 -9.59 5.83
N LEU A 27 31.18 -9.53 5.87
CA LEU A 27 30.38 -10.73 6.15
CA LEU A 27 30.38 -10.70 6.17
C LEU A 27 29.22 -10.19 7.00
C LEU A 27 29.22 -10.24 7.06
N LEU A 28 28.02 -10.67 6.71
CA LEU A 28 26.79 -10.34 7.50
C LEU A 28 26.06 -11.60 7.89
N ASP A 29 25.74 -11.71 9.17
CA ASP A 29 24.89 -12.77 9.64
C ASP A 29 23.45 -12.23 9.56
N ALA A 30 22.56 -12.79 8.73
CA ALA A 30 21.14 -12.28 8.62
C ALA A 30 20.19 -13.30 9.15
N SER A 31 20.59 -14.04 10.16
CA SER A 31 19.70 -15.06 10.76
C SER A 31 18.45 -14.39 11.33
N TRP A 32 17.35 -15.06 11.07
CA TRP A 32 15.98 -14.67 11.60
C TRP A 32 15.17 -15.93 11.66
N TYR A 33 14.41 -16.17 12.77
CA TYR A 33 13.73 -17.40 12.94
C TYR A 33 12.28 -17.10 13.35
N LEU A 34 11.34 -17.92 12.93
CA LEU A 34 9.95 -17.73 13.36
C LEU A 34 9.92 -18.02 14.88
N PRO A 35 9.02 -17.34 15.60
CA PRO A 35 9.02 -17.43 17.07
C PRO A 35 8.95 -18.84 17.60
N LYS A 36 8.17 -19.72 16.95
CA LYS A 36 8.02 -21.10 17.47
C LYS A 36 9.27 -21.95 17.48
N LEU A 37 10.31 -21.54 16.75
CA LEU A 37 11.56 -22.24 16.86
C LEU A 37 12.29 -21.96 18.19
N GLY A 38 11.89 -20.88 18.89
CA GLY A 38 12.47 -20.52 20.18
C GLY A 38 13.98 -20.24 20.16
N ARG A 39 14.42 -19.62 19.06
CA ARG A 39 15.79 -19.20 18.85
C ARG A 39 15.96 -17.67 18.89
N ASP A 40 17.11 -17.19 19.36
CA ASP A 40 17.43 -15.77 19.41
C ASP A 40 18.63 -15.53 18.52
N ALA A 41 18.35 -15.11 17.27
CA ALA A 41 19.43 -14.96 16.29
C ALA A 41 20.57 -14.04 16.73
N ARG A 42 20.20 -12.91 17.37
CA ARG A 42 21.14 -11.87 17.74
C ARG A 42 22.04 -12.45 18.85
N ARG A 43 21.38 -13.08 19.79
CA ARG A 43 22.17 -13.70 20.88
C ARG A 43 23.09 -14.80 20.42
N GLU A 44 22.62 -15.61 19.46
CA GLU A 44 23.47 -16.62 18.89
C GLU A 44 24.67 -16.00 18.22
N PHE A 45 24.50 -14.84 17.57
CA PHE A 45 25.59 -14.19 16.90
C PHE A 45 26.64 -13.82 17.95
N GLU A 46 26.15 -13.26 19.05
CA GLU A 46 27.03 -12.77 20.11
C GLU A 46 27.86 -13.92 20.59
N GLU A 47 27.28 -15.13 20.60
CA GLU A 47 28.07 -16.31 21.08
C GLU A 47 29.07 -16.81 20.06
N ARG A 48 28.65 -16.91 18.80
CA ARG A 48 29.53 -17.40 17.73
C ARG A 48 29.19 -16.76 16.39
N HIS A 49 30.19 -16.30 15.69
CA HIS A 49 29.99 -15.85 14.33
C HIS A 49 31.27 -15.90 13.53
N ILE A 50 31.17 -15.74 12.21
CA ILE A 50 32.35 -15.74 11.38
C ILE A 50 33.19 -14.54 11.71
N PRO A 51 34.50 -14.71 11.79
CA PRO A 51 35.32 -13.61 12.28
C PRO A 51 35.19 -12.32 11.43
N GLY A 52 34.97 -11.19 12.11
CA GLY A 52 34.82 -9.90 11.52
C GLY A 52 33.38 -9.64 10.99
N ALA A 53 32.52 -10.64 11.03
CA ALA A 53 31.09 -10.46 10.66
C ALA A 53 30.38 -9.41 11.49
N ALA A 54 29.41 -8.75 10.86
CA ALA A 54 28.36 -7.99 11.51
C ALA A 54 27.02 -8.70 11.44
N PHE A 55 26.12 -8.26 12.32
CA PHE A 55 24.75 -8.82 12.40
C PHE A 55 23.76 -7.91 11.64
N PHE A 56 23.13 -8.48 10.62
CA PHE A 56 22.17 -7.76 9.80
C PHE A 56 20.80 -8.24 10.32
N ASP A 57 20.06 -7.34 11.00
CA ASP A 57 18.79 -7.64 11.57
C ASP A 57 17.69 -7.25 10.58
N ILE A 58 17.03 -8.23 10.04
CA ILE A 58 16.00 -7.96 9.00
C ILE A 58 14.80 -7.22 9.56
N ASP A 59 14.56 -7.27 10.88
CA ASP A 59 13.63 -6.29 11.53
C ASP A 59 14.04 -4.80 11.63
N ARG A 60 15.31 -4.46 11.38
N ARG A 60 15.29 -4.47 11.32
CA ARG A 60 15.71 -3.06 11.19
CA ARG A 60 15.69 -3.08 11.18
C ARG A 60 15.81 -2.65 9.71
C ARG A 60 15.85 -2.67 9.71
N SER A 61 15.46 -3.56 8.82
CA SER A 61 15.55 -3.26 7.40
C SER A 61 14.16 -3.64 6.84
N SER A 62 13.11 -3.20 7.56
N SER A 62 13.11 -3.21 7.55
CA SER A 62 11.73 -3.43 7.10
CA SER A 62 11.74 -3.44 7.09
C SER A 62 10.85 -2.23 7.39
C SER A 62 10.97 -2.13 7.23
N ASP A 63 9.82 -2.07 6.56
CA ASP A 63 8.87 -0.97 6.76
C ASP A 63 7.87 -1.31 7.91
N HIS A 64 8.14 -0.80 9.11
CA HIS A 64 7.23 -1.03 10.22
C HIS A 64 5.89 -0.34 10.18
N THR A 65 5.70 0.54 9.18
CA THR A 65 4.37 1.24 9.04
C THR A 65 3.40 0.33 8.28
N SER A 66 3.91 -0.75 7.69
CA SER A 66 3.02 -1.70 7.01
C SER A 66 2.35 -2.64 8.01
N PRO A 67 1.06 -2.95 7.82
CA PRO A 67 0.42 -4.02 8.61
C PRO A 67 0.87 -5.44 8.21
N TYR A 68 1.61 -5.55 7.10
CA TYR A 68 2.10 -6.86 6.62
C TYR A 68 3.48 -7.10 7.16
N ASP A 69 4.02 -8.27 6.88
CA ASP A 69 5.28 -8.67 7.45
C ASP A 69 6.46 -8.55 6.49
N HIS A 70 7.61 -8.20 7.07
CA HIS A 70 8.87 -8.14 6.32
C HIS A 70 8.81 -7.40 5.00
N MET A 71 8.25 -6.18 5.02
CA MET A 71 8.13 -5.36 3.85
C MET A 71 9.39 -4.54 3.69
N LEU A 72 9.83 -4.39 2.42
CA LEU A 72 10.97 -3.56 2.11
C LEU A 72 10.84 -2.21 2.74
N PRO A 73 11.98 -1.74 3.33
CA PRO A 73 11.97 -0.32 3.77
C PRO A 73 12.18 0.60 2.59
N ASN A 74 12.08 1.89 2.77
CA ASN A 74 12.42 2.79 1.75
C ASN A 74 13.94 2.82 1.61
N ALA A 75 14.40 3.44 0.57
CA ALA A 75 15.81 3.38 0.27
C ALA A 75 16.66 4.16 1.27
N THR A 76 16.21 5.32 1.71
CA THR A 76 16.95 6.06 2.73
C THR A 76 17.17 5.26 4.00
N HIS A 77 16.10 4.56 4.43
CA HIS A 77 16.18 3.73 5.59
C HIS A 77 17.20 2.58 5.36
N PHE A 78 17.16 1.95 4.20
CA PHE A 78 18.06 0.85 3.94
C PHE A 78 19.51 1.34 3.90
N ALA A 79 19.73 2.47 3.25
CA ALA A 79 21.09 2.99 3.10
C ALA A 79 21.67 3.36 4.41
N ASP A 80 20.87 4.01 5.28
CA ASP A 80 21.31 4.37 6.63
C ASP A 80 21.74 3.11 7.38
N TYR A 81 20.97 2.05 7.25
CA TYR A 81 21.21 0.87 7.98
C TYR A 81 22.43 0.08 7.45
N ALA A 82 22.51 -0.10 6.12
CA ALA A 82 23.66 -0.75 5.52
C ALA A 82 24.94 0.04 5.80
N GLY A 83 24.89 1.37 5.73
CA GLY A 83 26.12 2.19 6.05
C GLY A 83 26.53 2.05 7.48
N SER A 84 25.56 1.93 8.39
CA SER A 84 25.89 1.71 9.78
C SER A 84 26.58 0.35 10.05
N LEU A 85 26.38 -0.63 9.15
CA LEU A 85 27.09 -1.92 9.24
C LEU A 85 28.43 -1.89 8.55
N GLY A 86 28.87 -0.71 8.10
CA GLY A 86 30.15 -0.63 7.41
C GLY A 86 30.17 -0.97 5.93
N VAL A 87 29.02 -0.92 5.26
CA VAL A 87 28.97 -1.34 3.84
C VAL A 87 29.05 -0.08 2.99
N SER A 88 29.97 -0.06 2.04
CA SER A 88 30.01 1.02 1.03
C SER A 88 29.84 0.46 -0.38
N ALA A 89 29.84 1.30 -1.40
CA ALA A 89 29.68 0.79 -2.73
C ALA A 89 30.84 -0.11 -3.15
N ALA A 90 31.99 0.00 -2.52
CA ALA A 90 33.18 -0.80 -2.84
C ALA A 90 33.06 -2.24 -2.29
N THR A 91 32.14 -2.45 -1.33
CA THR A 91 32.12 -3.69 -0.59
C THR A 91 31.59 -4.89 -1.31
N HIS A 92 32.28 -6.02 -1.17
CA HIS A 92 31.76 -7.33 -1.54
C HIS A 92 31.07 -7.85 -0.29
N VAL A 93 29.76 -7.84 -0.28
CA VAL A 93 29.03 -8.26 0.89
C VAL A 93 28.78 -9.76 0.73
N VAL A 94 29.03 -10.53 1.79
CA VAL A 94 28.74 -11.91 1.79
C VAL A 94 27.79 -12.15 2.97
N ILE A 95 26.63 -12.71 2.68
CA ILE A 95 25.68 -12.95 3.72
C ILE A 95 25.49 -14.46 4.06
N TYR A 96 25.29 -14.72 5.34
CA TYR A 96 24.95 -16.09 5.82
C TYR A 96 23.91 -16.05 6.89
N ASP A 97 23.41 -17.24 7.29
CA ASP A 97 22.67 -17.35 8.52
C ASP A 97 23.01 -18.65 9.16
N GLY A 98 22.40 -18.89 10.31
CA GLY A 98 22.75 -20.12 11.07
C GLY A 98 21.65 -21.12 11.07
N SER A 99 20.80 -21.11 10.07
CA SER A 99 19.70 -22.03 10.05
C SER A 99 20.11 -23.50 9.90
N ASP A 100 19.25 -24.35 10.43
CA ASP A 100 19.23 -25.78 10.20
C ASP A 100 19.21 -26.14 8.74
N GLN A 101 18.49 -25.36 7.92
CA GLN A 101 18.41 -25.63 6.47
C GLN A 101 19.70 -25.31 5.68
N GLY A 102 20.61 -24.54 6.26
CA GLY A 102 21.80 -24.06 5.61
C GLY A 102 21.70 -22.56 5.33
N LEU A 103 20.79 -22.20 4.41
CA LEU A 103 20.38 -20.82 4.25
C LEU A 103 18.89 -20.75 4.30
N TYR A 104 18.41 -19.68 4.95
CA TYR A 104 17.04 -19.53 5.21
C TYR A 104 16.54 -18.12 4.95
N SER A 105 17.04 -17.21 5.75
CA SER A 105 16.71 -15.77 5.64
C SER A 105 17.80 -14.97 4.92
N ALA A 106 19.01 -15.50 4.81
CA ALA A 106 20.09 -14.80 4.10
C ALA A 106 19.74 -14.47 2.63
N PRO A 107 19.11 -15.37 1.87
CA PRO A 107 18.76 -15.01 0.48
C PRO A 107 17.94 -13.71 0.36
N ARG A 108 17.05 -13.45 1.33
CA ARG A 108 16.25 -12.22 1.36
C ARG A 108 17.16 -10.99 1.34
N VAL A 109 18.27 -11.08 2.11
CA VAL A 109 19.17 -9.90 2.24
C VAL A 109 20.01 -9.75 0.98
N TRP A 110 20.39 -10.87 0.36
CA TRP A 110 21.11 -10.83 -0.93
C TRP A 110 20.21 -10.11 -1.93
N TRP A 111 18.96 -10.55 -2.01
CA TRP A 111 17.97 -9.93 -2.89
C TRP A 111 17.78 -8.43 -2.59
N MET A 112 17.65 -8.11 -1.31
N MET A 112 17.64 -8.08 -1.30
CA MET A 112 17.42 -6.73 -0.86
CA MET A 112 17.43 -6.66 -0.92
C MET A 112 18.58 -5.75 -1.27
C MET A 112 18.60 -5.74 -1.36
N PHE A 113 19.83 -6.19 -1.13
CA PHE A 113 21.01 -5.37 -1.52
C PHE A 113 20.96 -5.12 -3.03
N ARG A 114 20.61 -6.15 -3.79
CA ARG A 114 20.54 -6.04 -5.25
C ARG A 114 19.43 -5.10 -5.63
N ALA A 115 18.29 -5.23 -4.95
CA ALA A 115 17.16 -4.40 -5.21
C ALA A 115 17.48 -2.93 -5.02
N PHE A 116 18.37 -2.63 -4.12
CA PHE A 116 18.69 -1.25 -3.76
C PHE A 116 19.90 -0.83 -4.45
N GLY A 117 20.34 -1.60 -5.43
CA GLY A 117 21.40 -1.14 -6.37
C GLY A 117 22.85 -1.53 -6.02
N HIS A 118 23.02 -2.45 -5.06
CA HIS A 118 24.30 -2.99 -4.66
C HIS A 118 24.46 -4.44 -5.10
N HIS A 119 25.17 -4.64 -6.21
CA HIS A 119 25.16 -5.92 -6.93
C HIS A 119 26.34 -6.76 -6.56
N SER A 120 27.32 -6.19 -5.89
CA SER A 120 28.42 -7.02 -5.42
C SER A 120 28.13 -7.64 -4.06
N VAL A 121 27.31 -8.69 -4.13
CA VAL A 121 26.81 -9.34 -2.97
C VAL A 121 26.66 -10.81 -3.30
N SER A 122 26.95 -11.69 -2.33
CA SER A 122 26.87 -13.11 -2.49
C SER A 122 26.36 -13.72 -1.24
N LEU A 123 26.17 -15.01 -1.29
CA LEU A 123 25.76 -15.78 -0.13
C LEU A 123 26.76 -16.91 0.13
N LEU A 124 26.95 -17.21 1.39
CA LEU A 124 27.81 -18.32 1.82
C LEU A 124 27.01 -19.61 1.74
N ASP A 125 27.43 -20.42 0.80
CA ASP A 125 26.74 -21.65 0.54
C ASP A 125 26.88 -22.58 1.73
N GLY A 126 25.77 -23.01 2.27
CA GLY A 126 25.72 -23.86 3.41
C GLY A 126 25.65 -23.17 4.74
N GLY A 127 25.81 -21.85 4.73
CA GLY A 127 25.72 -21.00 5.90
C GLY A 127 26.56 -21.40 7.06
N PHE A 128 26.14 -20.99 8.25
CA PHE A 128 26.93 -21.31 9.42
C PHE A 128 26.98 -22.78 9.68
N ARG A 129 25.92 -23.49 9.34
CA ARG A 129 25.94 -24.91 9.55
C ARG A 129 27.17 -25.56 8.94
N HIS A 130 27.46 -25.20 7.69
CA HIS A 130 28.61 -25.74 7.01
C HIS A 130 29.91 -25.15 7.53
N TRP A 131 29.93 -23.88 7.82
CA TRP A 131 31.13 -23.27 8.40
C TRP A 131 31.53 -24.09 9.65
N LEU A 132 30.59 -24.34 10.54
CA LEU A 132 30.93 -25.08 11.75
C LEU A 132 31.36 -26.51 11.48
N ASN A 133 30.64 -27.14 10.55
CA ASN A 133 30.96 -28.51 10.12
C ASN A 133 32.38 -28.63 9.59
N GLN A 134 32.91 -27.58 8.99
CA GLN A 134 34.27 -27.55 8.49
C GLN A 134 35.29 -27.16 9.57
N ASN A 135 34.83 -26.93 10.78
CA ASN A 135 35.67 -26.47 11.91
C ASN A 135 36.44 -25.25 11.64
N LEU A 136 35.83 -24.31 10.88
CA LEU A 136 36.49 -23.09 10.53
C LEU A 136 36.38 -22.10 11.72
N PRO A 137 37.24 -21.11 11.72
CA PRO A 137 37.38 -20.31 12.94
C PRO A 137 36.14 -19.48 13.22
N ILE A 138 35.86 -19.30 14.50
CA ILE A 138 34.77 -18.45 14.92
C ILE A 138 35.17 -17.40 15.94
N SER A 139 34.36 -16.37 16.05
CA SER A 139 34.55 -15.25 16.98
C SER A 139 33.30 -15.07 17.80
N SER A 140 33.47 -14.41 18.95
CA SER A 140 32.35 -14.08 19.78
C SER A 140 32.34 -12.56 20.03
N GLY A 141 31.24 -12.06 20.49
CA GLY A 141 31.08 -10.61 20.76
C GLY A 141 29.92 -10.01 20.05
N LYS A 142 29.36 -8.94 20.62
CA LYS A 142 28.32 -8.16 19.91
C LYS A 142 28.79 -7.55 18.63
N SER A 143 27.78 -7.34 17.77
CA SER A 143 28.07 -6.76 16.45
C SER A 143 28.52 -5.30 16.60
N HIS A 144 29.49 -4.92 15.77
CA HIS A 144 29.91 -3.54 15.66
C HIS A 144 30.63 -3.28 14.37
N SER A 145 30.66 -2.02 14.00
CA SER A 145 31.41 -1.62 12.85
C SER A 145 31.56 -0.16 12.88
N GLU A 146 32.60 0.32 12.22
CA GLU A 146 32.63 1.71 11.82
C GLU A 146 31.59 1.96 10.72
N PRO A 147 31.03 3.16 10.69
CA PRO A 147 30.10 3.44 9.62
C PRO A 147 30.80 3.74 8.30
N ALA A 148 30.12 3.44 7.22
CA ALA A 148 30.55 3.76 5.84
C ALA A 148 29.47 4.52 5.05
N GLU A 149 29.85 5.23 3.98
CA GLU A 149 28.93 5.96 3.10
C GLU A 149 28.30 4.91 2.18
N PHE A 150 26.98 4.96 2.10
CA PHE A 150 26.16 4.01 1.33
C PHE A 150 25.00 4.77 0.78
N SER A 151 24.75 4.56 -0.50
N SER A 151 24.78 4.69 -0.54
CA SER A 151 23.64 5.12 -1.22
CA SER A 151 23.54 5.16 -1.16
C SER A 151 22.75 3.95 -1.69
C SER A 151 22.74 4.06 -1.88
N ALA A 152 21.43 4.16 -1.71
CA ALA A 152 20.49 3.19 -2.24
C ALA A 152 19.44 3.81 -3.12
N GLN A 153 18.99 3.00 -4.08
CA GLN A 153 17.89 3.35 -4.97
C GLN A 153 17.15 2.06 -5.33
N LEU A 154 15.85 2.02 -5.12
CA LEU A 154 15.14 0.79 -5.32
C LEU A 154 14.86 0.67 -6.85
N ASP A 155 15.27 -0.42 -7.46
CA ASP A 155 14.73 -0.78 -8.75
C ASP A 155 13.37 -1.55 -8.61
N PRO A 156 12.24 -0.93 -9.01
CA PRO A 156 10.93 -1.52 -8.76
C PRO A 156 10.70 -2.82 -9.51
N SER A 157 11.51 -3.13 -10.50
CA SER A 157 11.37 -4.39 -11.18
C SER A 157 11.65 -5.60 -10.22
N PHE A 158 12.20 -5.37 -9.02
CA PHE A 158 12.48 -6.49 -8.09
C PHE A 158 11.21 -6.91 -7.31
N ILE A 159 10.13 -6.14 -7.42
CA ILE A 159 8.93 -6.32 -6.59
C ILE A 159 7.71 -6.49 -7.45
N LYS A 160 6.79 -7.35 -7.01
CA LYS A 160 5.41 -7.26 -7.45
C LYS A 160 4.51 -6.89 -6.32
N THR A 161 3.39 -6.30 -6.68
CA THR A 161 2.42 -5.81 -5.70
C THR A 161 1.16 -6.68 -5.65
N HIS A 162 0.40 -6.56 -4.58
CA HIS A 162 -0.90 -7.19 -4.53
C HIS A 162 -1.72 -6.96 -5.85
N GLU A 163 -1.80 -5.67 -6.26
CA GLU A 163 -2.55 -5.33 -7.47
C GLU A 163 -2.04 -6.19 -8.64
N ASP A 164 -0.72 -6.32 -8.80
CA ASP A 164 -0.17 -7.17 -9.85
C ASP A 164 -0.60 -8.64 -9.74
N ILE A 165 -0.56 -9.22 -8.54
CA ILE A 165 -0.92 -10.63 -8.32
C ILE A 165 -2.38 -10.83 -8.66
N LEU A 166 -3.22 -9.88 -8.22
CA LEU A 166 -4.66 -9.94 -8.49
C LEU A 166 -4.95 -9.87 -10.00
N GLU A 167 -4.33 -8.93 -10.70
CA GLU A 167 -4.56 -8.77 -12.14
C GLU A 167 -4.14 -10.04 -12.82
N ASN A 168 -3.08 -10.66 -12.31
CA ASN A 168 -2.54 -11.89 -12.94
C ASN A 168 -3.39 -13.14 -12.78
N LEU A 169 -4.40 -13.14 -11.93
CA LEU A 169 -5.26 -14.33 -11.83
C LEU A 169 -5.94 -14.60 -13.14
N ASP A 170 -6.38 -13.56 -13.82
CA ASP A 170 -7.05 -13.73 -15.12
C ASP A 170 -6.04 -13.58 -16.25
N ALA A 171 -5.09 -12.66 -16.12
CA ALA A 171 -4.16 -12.37 -17.21
C ALA A 171 -3.10 -13.48 -17.40
N ARG A 172 -2.70 -14.22 -16.33
CA ARG A 172 -1.69 -15.27 -16.37
C ARG A 172 -0.46 -14.85 -17.20
N ARG A 173 -0.03 -13.61 -17.00
CA ARG A 173 1.17 -13.10 -17.60
C ARG A 173 2.46 -13.53 -16.90
N PHE A 174 2.39 -13.92 -15.65
CA PHE A 174 3.51 -14.57 -15.02
C PHE A 174 3.08 -15.75 -14.20
N GLN A 175 4.03 -16.68 -14.03
CA GLN A 175 3.89 -17.85 -13.15
C GLN A 175 4.25 -17.49 -11.69
N VAL A 176 3.37 -17.76 -10.77
CA VAL A 176 3.66 -17.55 -9.39
C VAL A 176 4.13 -18.82 -8.74
N VAL A 177 5.30 -18.75 -8.11
CA VAL A 177 5.90 -19.92 -7.43
C VAL A 177 5.98 -19.59 -5.93
N ASP A 178 5.39 -20.45 -5.12
CA ASP A 178 5.27 -20.23 -3.67
C ASP A 178 6.20 -21.16 -2.89
N ALA A 179 7.10 -20.56 -2.12
CA ALA A 179 8.14 -21.29 -1.42
C ALA A 179 7.74 -21.83 -0.05
N ARG A 180 6.48 -21.66 0.40
CA ARG A 180 6.10 -22.22 1.69
C ARG A 180 6.12 -23.77 1.65
N ALA A 181 6.23 -24.37 2.84
CA ALA A 181 5.98 -25.81 2.99
C ALA A 181 4.68 -26.23 2.38
N ALA A 182 4.69 -27.44 1.84
CA ALA A 182 3.54 -27.98 1.14
C ALA A 182 2.27 -27.96 1.92
N GLY A 183 2.33 -28.27 3.23
CA GLY A 183 1.07 -28.28 3.95
C GLY A 183 0.46 -26.89 4.16
N ARG A 184 1.28 -25.89 4.36
CA ARG A 184 0.76 -24.51 4.36
C ARG A 184 0.17 -24.10 2.99
N PHE A 185 0.90 -24.38 1.96
CA PHE A 185 0.39 -24.23 0.64
C PHE A 185 -0.98 -24.92 0.41
N GLN A 186 -1.08 -26.20 0.75
N GLN A 186 -1.07 -26.20 0.78
CA GLN A 186 -2.34 -26.95 0.55
CA GLN A 186 -2.29 -26.98 0.55
C GLN A 186 -3.49 -26.57 1.45
C GLN A 186 -3.46 -26.63 1.47
N GLY A 187 -3.18 -26.05 2.63
CA GLY A 187 -4.18 -25.63 3.60
C GLY A 187 -4.40 -26.58 4.76
N THR A 188 -3.45 -27.49 4.98
CA THR A 188 -3.50 -28.48 6.05
C THR A 188 -2.54 -28.32 7.25
N GLN A 189 -1.65 -27.32 7.22
N GLN A 189 -1.73 -27.25 7.26
CA GLN A 189 -0.77 -27.04 8.33
CA GLN A 189 -0.79 -27.03 8.31
C GLN A 189 -0.85 -25.54 8.58
C GLN A 189 -0.84 -25.53 8.57
N PRO A 190 -0.68 -25.10 9.85
CA PRO A 190 -0.97 -23.72 10.26
C PRO A 190 0.01 -22.67 9.70
N GLU A 191 -0.48 -21.48 9.47
CA GLU A 191 0.37 -20.35 9.24
C GLU A 191 0.90 -19.81 10.59
N PRO A 192 2.15 -19.35 10.61
CA PRO A 192 2.75 -18.85 11.85
C PRO A 192 2.12 -17.61 12.44
N ARG A 193 1.58 -16.72 11.58
CA ARG A 193 0.95 -15.49 12.05
C ARG A 193 -0.49 -15.79 12.55
N ASP A 194 -0.79 -15.35 13.78
CA ASP A 194 -2.13 -15.51 14.28
C ASP A 194 -3.07 -14.66 13.45
N GLY A 195 -4.23 -15.19 13.12
CA GLY A 195 -5.20 -14.52 12.24
C GLY A 195 -4.98 -14.76 10.74
N ILE A 196 -3.96 -15.51 10.35
CA ILE A 196 -3.78 -15.89 8.96
C ILE A 196 -4.04 -17.41 8.85
N GLU A 197 -4.90 -17.80 7.89
N GLU A 197 -4.80 -17.85 7.88
CA GLU A 197 -5.27 -19.20 7.56
CA GLU A 197 -4.99 -19.25 7.74
C GLU A 197 -4.32 -19.65 6.40
C GLU A 197 -4.30 -19.67 6.42
N PRO A 198 -4.00 -20.95 6.31
CA PRO A 198 -3.20 -21.44 5.21
C PRO A 198 -4.03 -21.59 3.95
N GLY A 199 -3.38 -22.08 2.93
CA GLY A 199 -3.96 -22.13 1.58
C GLY A 199 -3.02 -21.46 0.61
N HIS A 200 -3.48 -21.28 -0.60
CA HIS A 200 -2.65 -20.70 -1.65
C HIS A 200 -3.39 -19.81 -2.59
N ILE A 201 -2.61 -19.04 -3.38
CA ILE A 201 -3.09 -18.12 -4.40
C ILE A 201 -3.53 -18.96 -5.59
N PRO A 202 -4.73 -18.62 -6.15
CA PRO A 202 -5.21 -19.46 -7.28
C PRO A 202 -4.19 -19.38 -8.42
N GLY A 203 -3.91 -20.52 -9.05
CA GLY A 203 -3.01 -20.61 -10.22
C GLY A 203 -1.51 -20.71 -9.86
N SER A 204 -1.16 -20.58 -8.57
CA SER A 204 0.25 -20.63 -8.19
C SER A 204 0.72 -22.07 -8.12
N VAL A 205 2.05 -22.23 -8.12
CA VAL A 205 2.73 -23.55 -8.07
C VAL A 205 3.62 -23.58 -6.78
N ASN A 206 3.59 -24.66 -6.04
CA ASN A 206 4.35 -24.77 -4.82
C ASN A 206 5.73 -25.42 -5.09
N ILE A 207 6.81 -24.69 -4.80
CA ILE A 207 8.16 -25.26 -4.75
C ILE A 207 8.72 -24.82 -3.39
N PRO A 208 8.48 -25.63 -2.33
CA PRO A 208 9.02 -25.34 -1.02
C PRO A 208 10.51 -25.02 -1.10
N PHE A 209 10.93 -23.99 -0.34
CA PHE A 209 12.31 -23.50 -0.45
C PHE A 209 13.34 -24.55 -0.19
N THR A 210 13.01 -25.50 0.70
CA THR A 210 13.89 -26.65 0.99
C THR A 210 14.28 -27.49 -0.25
N GLU A 211 13.45 -27.48 -1.29
N GLU A 211 13.42 -27.49 -1.27
CA GLU A 211 13.75 -28.30 -2.46
CA GLU A 211 13.68 -28.24 -2.51
C GLU A 211 14.85 -27.67 -3.33
C GLU A 211 14.89 -27.70 -3.27
N PHE A 212 15.25 -26.43 -3.03
CA PHE A 212 16.45 -25.84 -3.74
C PHE A 212 17.81 -26.25 -3.18
N LEU A 213 17.76 -26.83 -2.00
CA LEU A 213 18.92 -27.16 -1.18
C LEU A 213 19.14 -28.67 -1.13
N THR A 214 20.39 -29.07 -0.88
CA THR A 214 20.66 -30.47 -0.78
C THR A 214 20.15 -30.97 0.58
N ASN A 215 20.18 -32.29 0.71
CA ASN A 215 19.85 -32.87 1.98
C ASN A 215 20.58 -32.24 3.16
N GLU A 216 21.84 -31.87 3.00
CA GLU A 216 22.61 -31.19 4.04
C GLU A 216 22.73 -29.67 3.96
N GLY A 217 21.92 -29.06 3.12
CA GLY A 217 21.73 -27.58 3.12
C GLY A 217 22.74 -26.80 2.32
N LEU A 218 23.29 -27.45 1.30
CA LEU A 218 24.04 -26.72 0.32
C LEU A 218 23.12 -26.44 -0.88
N GLU A 219 23.44 -25.45 -1.71
CA GLU A 219 22.62 -25.26 -2.92
C GLU A 219 22.76 -26.46 -3.84
N LYS A 220 21.65 -26.81 -4.45
CA LYS A 220 21.71 -27.82 -5.51
C LYS A 220 22.42 -27.19 -6.69
N SER A 221 22.95 -28.07 -7.56
CA SER A 221 23.45 -27.61 -8.82
C SER A 221 22.43 -26.94 -9.78
N PRO A 222 22.93 -26.06 -10.65
CA PRO A 222 22.05 -25.49 -11.61
C PRO A 222 21.33 -26.55 -12.47
N GLU A 223 22.05 -27.61 -12.83
CA GLU A 223 21.44 -28.78 -13.52
C GLU A 223 20.24 -29.27 -12.71
N GLU A 224 20.39 -29.44 -11.41
CA GLU A 224 19.29 -29.99 -10.58
C GLU A 224 18.18 -28.96 -10.32
N ILE A 225 18.60 -27.71 -10.22
CA ILE A 225 17.60 -26.64 -10.07
C ILE A 225 16.71 -26.56 -11.31
N LYS A 226 17.31 -26.59 -12.51
CA LYS A 226 16.52 -26.57 -13.75
C LYS A 226 15.59 -27.74 -13.83
N ARG A 227 16.05 -28.88 -13.32
CA ARG A 227 15.22 -30.11 -13.29
C ARG A 227 14.04 -29.93 -12.36
N LEU A 228 14.32 -29.32 -11.21
CA LEU A 228 13.25 -29.03 -10.22
C LEU A 228 12.14 -28.18 -10.82
N PHE A 229 12.53 -27.08 -11.44
CA PHE A 229 11.52 -26.16 -11.99
C PHE A 229 10.66 -26.89 -13.02
N LYS A 230 11.35 -27.63 -13.86
CA LYS A 230 10.66 -28.30 -14.94
C LYS A 230 9.72 -29.41 -14.46
N GLU A 231 10.14 -30.14 -13.46
CA GLU A 231 9.28 -31.15 -12.86
C GLU A 231 8.06 -30.55 -12.21
N LYS A 232 8.20 -29.34 -11.67
CA LYS A 232 7.03 -28.56 -11.13
C LYS A 232 6.22 -27.72 -12.14
N LYS A 233 6.46 -27.91 -13.44
CA LYS A 233 5.74 -27.21 -14.50
C LYS A 233 5.95 -25.73 -14.49
N VAL A 234 7.12 -25.34 -14.07
CA VAL A 234 7.53 -23.95 -14.18
C VAL A 234 8.50 -23.87 -15.32
N ASP A 235 8.18 -22.98 -16.25
CA ASP A 235 8.99 -22.65 -17.43
C ASP A 235 9.83 -21.43 -17.22
N LEU A 236 11.14 -21.64 -17.07
CA LEU A 236 12.06 -20.54 -16.88
C LEU A 236 12.22 -19.63 -18.09
N SER A 237 11.70 -20.00 -19.26
N SER A 237 11.71 -19.97 -19.27
CA SER A 237 11.71 -19.09 -20.40
CA SER A 237 11.77 -19.00 -20.36
C SER A 237 10.67 -18.00 -20.26
C SER A 237 10.60 -18.05 -20.33
N LYS A 238 9.71 -18.21 -19.35
CA LYS A 238 8.52 -17.35 -19.20
C LYS A 238 8.64 -16.57 -17.89
N PRO A 239 7.87 -15.47 -17.73
CA PRO A 239 7.99 -14.72 -16.50
C PRO A 239 7.66 -15.56 -15.24
N LEU A 240 8.35 -15.22 -14.16
CA LEU A 240 8.24 -15.96 -12.90
C LEU A 240 8.26 -14.95 -11.77
N VAL A 241 7.36 -15.11 -10.77
CA VAL A 241 7.29 -14.25 -9.59
C VAL A 241 7.29 -15.15 -8.39
N ALA A 242 8.14 -14.83 -7.41
CA ALA A 242 8.33 -15.63 -6.17
C ALA A 242 7.51 -15.15 -5.01
N THR A 243 6.91 -16.06 -4.22
CA THR A 243 6.11 -15.65 -3.08
C THR A 243 6.25 -16.70 -1.97
N GLY A 245 5.46 -16.78 2.81
CA GLY A 245 4.64 -16.30 3.89
C GLY A 245 4.71 -14.75 3.92
N SER A 246 5.95 -14.21 3.93
CA SER A 246 6.18 -12.78 4.13
C SER A 246 7.17 -12.19 3.15
N GLY A 247 7.61 -12.98 2.18
CA GLY A 247 8.58 -12.52 1.12
C GLY A 247 10.06 -12.81 1.43
N VAL A 248 10.31 -13.61 2.47
CA VAL A 248 11.69 -13.89 2.92
C VAL A 248 12.16 -15.16 2.18
N THR A 249 11.53 -16.27 2.46
CA THR A 249 11.95 -17.55 1.84
C THR A 249 11.70 -17.64 0.32
N ALA A 250 10.79 -16.81 -0.20
CA ALA A 250 10.61 -16.55 -1.66
C ALA A 250 11.95 -16.29 -2.33
N SER A 251 12.90 -15.69 -1.63
CA SER A 251 14.16 -15.34 -2.20
C SER A 251 14.99 -16.59 -2.57
N HIS A 252 14.64 -17.75 -2.07
CA HIS A 252 15.26 -18.99 -2.58
C HIS A 252 14.83 -19.31 -3.98
N VAL A 253 13.62 -18.94 -4.38
CA VAL A 253 13.18 -19.11 -5.73
C VAL A 253 13.94 -18.21 -6.66
N VAL A 254 14.07 -16.97 -6.22
CA VAL A 254 14.84 -15.95 -6.89
C VAL A 254 16.27 -16.44 -7.08
N LEU A 255 16.92 -16.89 -5.99
CA LEU A 255 18.28 -17.43 -6.10
C LEU A 255 18.42 -18.60 -7.05
N GLY A 256 17.53 -19.59 -6.90
CA GLY A 256 17.57 -20.75 -7.78
C GLY A 256 17.45 -20.34 -9.26
N ALA A 257 16.56 -19.41 -9.57
CA ALA A 257 16.40 -18.91 -10.94
C ALA A 257 17.66 -18.18 -11.39
N PHE A 258 18.23 -17.36 -10.52
CA PHE A 258 19.45 -16.60 -10.80
C PHE A 258 20.58 -17.53 -11.17
N LEU A 259 20.73 -18.59 -10.40
CA LEU A 259 21.82 -19.60 -10.58
C LEU A 259 21.59 -20.42 -11.86
N SER A 260 20.36 -20.45 -12.34
CA SER A 260 20.00 -21.14 -13.57
C SER A 260 19.92 -20.20 -14.77
N GLY A 261 20.34 -18.96 -14.60
CA GLY A 261 20.45 -18.01 -15.71
C GLY A 261 19.38 -16.96 -15.76
N LYS A 262 18.33 -17.05 -14.94
CA LYS A 262 17.24 -16.08 -15.03
C LYS A 262 17.31 -15.07 -13.91
N SER A 263 17.74 -13.88 -14.21
CA SER A 263 17.99 -12.88 -13.15
C SER A 263 16.80 -12.03 -12.79
N ASP A 264 15.71 -12.14 -13.54
CA ASP A 264 14.61 -11.19 -13.32
C ASP A 264 13.40 -11.96 -12.77
N VAL A 265 13.56 -12.37 -11.53
CA VAL A 265 12.42 -12.99 -10.83
C VAL A 265 12.05 -12.07 -9.66
N PRO A 266 10.97 -11.29 -9.82
CA PRO A 266 10.55 -10.39 -8.72
C PRO A 266 9.96 -11.13 -7.54
N VAL A 267 10.00 -10.48 -6.38
CA VAL A 267 9.34 -11.04 -5.20
C VAL A 267 8.03 -10.36 -4.94
N TYR A 268 6.98 -11.13 -4.67
CA TYR A 268 5.73 -10.54 -4.21
C TYR A 268 5.94 -10.33 -2.70
N ASP A 269 6.34 -9.10 -2.37
CA ASP A 269 6.82 -8.79 -1.04
C ASP A 269 5.70 -8.96 -0.04
N GLY A 270 4.44 -8.63 -0.39
CA GLY A 270 3.37 -8.79 0.56
C GLY A 270 3.14 -10.26 0.93
N SER A 271 3.27 -11.11 -0.08
CA SER A 271 3.28 -12.56 0.11
C SER A 271 1.98 -13.01 0.75
N TRP A 272 1.97 -14.16 1.43
CA TRP A 272 0.65 -14.79 1.77
C TRP A 272 -0.05 -13.98 2.88
N VAL A 273 0.72 -13.40 3.79
CA VAL A 273 0.13 -12.59 4.83
C VAL A 273 -0.74 -11.51 4.18
N GLU A 274 -0.19 -10.77 3.24
CA GLU A 274 -0.91 -9.70 2.64
C GLU A 274 -2.08 -10.27 1.82
N TRP A 275 -1.76 -11.30 1.04
CA TRP A 275 -2.71 -11.85 0.14
C TRP A 275 -3.97 -12.27 0.93
N TYR A 276 -3.73 -13.03 2.01
CA TYR A 276 -4.86 -13.54 2.87
C TYR A 276 -5.63 -12.34 3.45
N MET A 277 -4.91 -11.37 4.02
N MET A 277 -4.90 -11.39 4.03
CA MET A 277 -5.58 -10.19 4.62
CA MET A 277 -5.57 -10.24 4.61
C MET A 277 -6.42 -9.37 3.62
C MET A 277 -6.46 -9.52 3.58
N ARG A 278 -5.93 -9.26 2.40
CA ARG A 278 -6.64 -8.52 1.36
C ARG A 278 -7.58 -9.37 0.50
N ALA A 279 -7.73 -10.64 0.82
CA ALA A 279 -8.52 -11.56 -0.02
C ALA A 279 -10.07 -11.43 0.03
N GLN A 280 -10.73 -11.65 -1.12
CA GLN A 280 -12.10 -12.15 -1.16
C GLN A 280 -12.08 -13.70 -1.10
N PRO A 281 -13.23 -14.32 -0.75
CA PRO A 281 -13.17 -15.74 -0.53
C PRO A 281 -12.68 -16.54 -1.75
N GLU A 282 -12.94 -16.09 -2.96
CA GLU A 282 -12.45 -16.77 -4.19
C GLU A 282 -10.97 -16.80 -4.31
N HIS A 283 -10.29 -16.00 -3.49
CA HIS A 283 -8.83 -15.88 -3.58
C HIS A 283 -8.06 -16.77 -2.71
N ILE A 284 -8.73 -17.65 -1.94
N ILE A 284 -8.72 -17.59 -1.90
CA ILE A 284 -8.06 -18.51 -0.96
CA ILE A 284 -8.02 -18.49 -1.02
C ILE A 284 -8.37 -19.97 -1.27
C ILE A 284 -8.41 -19.89 -1.46
N ILE A 285 -7.41 -20.67 -1.83
CA ILE A 285 -7.61 -22.07 -2.23
C ILE A 285 -7.02 -22.87 -1.10
N SER A 286 -7.84 -23.71 -0.46
CA SER A 286 -7.38 -24.46 0.73
C SER A 286 -8.14 -25.77 0.93
N GLU A 287 -7.44 -26.83 1.30
CA GLU A 287 -8.08 -28.09 1.76
C GLU A 287 -8.65 -28.01 3.15
N GLY A 288 -8.30 -26.95 3.88
CA GLY A 288 -8.88 -26.54 5.15
C GLY A 288 -10.20 -25.82 5.03
N ARG A 289 -11.05 -26.01 6.05
CA ARG A 289 -12.38 -25.50 6.13
C ARG A 289 -12.32 -24.22 6.94
N GLY A 290 -12.69 -23.11 6.36
CA GLY A 290 -12.68 -21.88 7.12
C GLY A 290 -13.77 -21.74 8.18
N LYS A 291 -13.60 -20.73 9.04
CA LYS A 291 -14.56 -20.41 10.13
C LYS A 291 -15.91 -20.10 9.52
N THR A 292 -15.87 -19.56 8.33
CA THR A 292 -17.07 -19.22 7.62
C THR A 292 -17.73 -20.46 6.98
N GLN A 293 -16.99 -21.56 6.83
N GLN A 293 -16.97 -21.52 6.74
CA GLN A 293 -17.45 -22.68 5.99
CA GLN A 293 -17.44 -22.58 5.82
C GLN A 293 -17.87 -23.90 6.81
C GLN A 293 -18.15 -23.73 6.52
N GLN B 1 -9.59 30.05 -15.69
CA GLN B 1 -8.82 28.98 -16.39
C GLN B 1 -9.12 27.54 -15.85
N LEU B 2 -10.27 27.35 -15.19
CA LEU B 2 -10.72 26.05 -14.65
C LEU B 2 -12.20 25.90 -14.96
N PHE B 3 -12.62 24.71 -15.35
CA PHE B 3 -14.04 24.41 -15.58
C PHE B 3 -14.81 24.63 -14.28
N ARG B 4 -15.94 25.32 -14.33
CA ARG B 4 -16.63 25.72 -13.15
C ARG B 4 -16.97 24.55 -12.20
N ALA B 5 -16.64 24.75 -10.92
CA ALA B 5 -16.89 23.71 -9.89
C ALA B 5 -18.31 23.67 -9.36
N LEU B 6 -19.00 24.78 -9.44
CA LEU B 6 -20.39 24.92 -8.96
C LEU B 6 -21.38 25.39 -10.05
N VAL B 7 -22.52 24.74 -10.07
CA VAL B 7 -23.71 25.23 -10.76
C VAL B 7 -24.87 25.38 -9.73
N SER B 8 -25.83 26.22 -10.11
CA SER B 8 -26.98 26.53 -9.26
C SER B 8 -28.16 25.64 -9.57
N ALA B 9 -29.04 25.49 -8.57
CA ALA B 9 -30.28 24.80 -8.78
C ALA B 9 -31.14 25.40 -9.94
N GLN B 10 -31.19 26.71 -9.99
N GLN B 10 -31.23 26.69 -10.06
CA GLN B 10 -31.83 27.44 -11.11
CA GLN B 10 -32.05 27.19 -11.18
C GLN B 10 -31.35 26.93 -12.46
C GLN B 10 -31.37 26.99 -12.55
N TRP B 11 -30.02 26.96 -12.59
CA TRP B 11 -29.33 26.66 -13.83
C TRP B 11 -29.64 25.19 -14.20
N VAL B 12 -29.58 24.30 -13.22
CA VAL B 12 -29.90 22.89 -13.49
C VAL B 12 -31.35 22.68 -13.87
N ALA B 13 -32.25 23.32 -13.18
CA ALA B 13 -33.64 23.14 -13.51
C ALA B 13 -33.91 23.58 -14.99
N GLU B 14 -33.33 24.72 -15.39
CA GLU B 14 -33.55 25.21 -16.75
C GLU B 14 -32.87 24.26 -17.71
N ALA B 15 -31.66 23.78 -17.34
CA ALA B 15 -30.90 22.88 -18.24
C ALA B 15 -31.58 21.53 -18.54
N LEU B 16 -32.37 21.02 -17.61
CA LEU B 16 -33.19 19.88 -17.82
C LEU B 16 -34.18 20.07 -18.94
N LYS B 17 -34.70 21.27 -19.08
CA LYS B 17 -35.73 21.57 -20.08
C LYS B 17 -35.17 22.08 -21.41
N ALA B 18 -33.90 22.48 -21.42
CA ALA B 18 -33.17 22.86 -22.62
C ALA B 18 -31.95 21.91 -22.95
N PRO B 19 -32.22 20.64 -23.27
CA PRO B 19 -31.07 19.70 -23.31
C PRO B 19 -30.33 19.70 -24.65
N SER B 21 -27.13 19.53 -26.37
CA SER B 21 -27.00 18.09 -26.55
C SER B 21 -25.64 17.58 -27.08
N SER B 22 -24.75 18.48 -27.49
CA SER B 22 -23.36 18.09 -27.83
C SER B 22 -22.54 17.94 -26.56
N GLN B 23 -23.06 18.53 -25.52
CA GLN B 23 -22.50 18.35 -24.17
C GLN B 23 -23.62 17.91 -23.29
N PRO B 24 -23.85 16.57 -23.23
CA PRO B 24 -24.99 16.13 -22.44
C PRO B 24 -24.72 16.31 -20.96
N LEU B 25 -25.80 16.58 -20.24
CA LEU B 25 -25.77 16.80 -18.80
C LEU B 25 -26.09 15.49 -18.14
N LYS B 26 -25.26 15.03 -17.21
CA LYS B 26 -25.56 13.84 -16.45
C LYS B 26 -25.55 14.28 -14.99
N LEU B 27 -26.69 14.12 -14.33
CA LEU B 27 -26.83 14.43 -12.90
C LEU B 27 -26.53 13.18 -12.10
N LEU B 28 -25.70 13.27 -11.06
CA LEU B 28 -25.43 12.10 -10.24
C LEU B 28 -25.64 12.42 -8.81
N ASP B 29 -26.38 11.52 -8.15
CA ASP B 29 -26.57 11.59 -6.73
C ASP B 29 -25.49 10.74 -6.11
N ALA B 30 -24.58 11.37 -5.35
CA ALA B 30 -23.45 10.66 -4.67
C ALA B 30 -23.60 10.66 -3.16
N SER B 31 -24.83 10.60 -2.67
CA SER B 31 -25.05 10.56 -1.22
C SER B 31 -24.47 9.34 -0.58
N TRP B 32 -23.86 9.57 0.57
CA TRP B 32 -23.33 8.50 1.41
C TRP B 32 -23.33 9.05 2.81
N TYR B 33 -23.79 8.23 3.77
CA TYR B 33 -23.90 8.67 5.15
C TYR B 33 -23.22 7.69 6.14
N LEU B 34 -22.62 8.24 7.16
CA LEU B 34 -22.03 7.41 8.21
C LEU B 34 -23.20 6.64 8.84
N PRO B 35 -22.91 5.44 9.32
CA PRO B 35 -24.05 4.56 9.68
C PRO B 35 -24.88 5.10 10.83
N LYS B 36 -24.25 5.84 11.76
CA LYS B 36 -24.95 6.41 12.94
C LYS B 36 -26.02 7.39 12.62
N LEU B 37 -25.98 7.93 11.39
CA LEU B 37 -27.10 8.79 10.96
C LEU B 37 -28.38 8.05 10.67
N GLY B 38 -28.30 6.75 10.44
CA GLY B 38 -29.46 5.93 10.20
C GLY B 38 -30.20 6.22 8.94
N ARG B 39 -29.46 6.67 7.93
CA ARG B 39 -30.05 6.93 6.62
C ARG B 39 -29.62 5.97 5.54
N ASP B 40 -30.46 5.76 4.55
CA ASP B 40 -30.19 4.86 3.44
C ASP B 40 -30.20 5.71 2.16
N ALA B 41 -29.03 6.05 1.70
CA ALA B 41 -28.86 6.93 0.57
C ALA B 41 -29.49 6.39 -0.65
N ARG B 42 -29.28 5.08 -0.92
CA ARG B 42 -29.79 4.49 -2.15
C ARG B 42 -31.33 4.40 -2.15
N ARG B 43 -31.90 4.03 -1.02
N ARG B 43 -31.91 4.01 -1.03
CA ARG B 43 -33.35 4.01 -0.88
CA ARG B 43 -33.37 4.02 -1.02
C ARG B 43 -33.95 5.41 -1.00
C ARG B 43 -33.90 5.44 -1.14
N GLU B 44 -33.23 6.41 -0.47
CA GLU B 44 -33.70 7.81 -0.50
C GLU B 44 -33.71 8.25 -1.93
N PHE B 45 -32.69 7.87 -2.70
CA PHE B 45 -32.69 8.14 -4.14
C PHE B 45 -33.93 7.53 -4.86
N GLU B 46 -34.25 6.30 -4.57
CA GLU B 46 -35.33 5.63 -5.24
C GLU B 46 -36.60 6.31 -4.94
N GLU B 47 -36.70 6.88 -3.76
CA GLU B 47 -37.96 7.62 -3.36
C GLU B 47 -38.04 8.96 -4.03
N ARG B 48 -36.93 9.71 -4.06
CA ARG B 48 -36.87 11.05 -4.59
C ARG B 48 -35.51 11.40 -5.09
N HIS B 49 -35.49 11.88 -6.31
CA HIS B 49 -34.24 12.41 -6.92
C HIS B 49 -34.50 13.45 -8.01
N ILE B 50 -33.44 14.14 -8.44
CA ILE B 50 -33.53 15.12 -9.50
C ILE B 50 -33.83 14.41 -10.81
N PRO B 51 -34.84 14.86 -11.56
CA PRO B 51 -35.20 14.15 -12.83
C PRO B 51 -34.05 13.79 -13.77
N GLY B 52 -33.91 12.53 -14.12
CA GLY B 52 -32.89 12.09 -15.02
C GLY B 52 -31.60 11.65 -14.30
N ALA B 53 -31.49 11.93 -13.03
CA ALA B 53 -30.27 11.60 -12.29
C ALA B 53 -30.09 10.10 -12.21
N ALA B 54 -28.82 9.73 -12.11
CA ALA B 54 -28.39 8.38 -11.69
C ALA B 54 -27.73 8.35 -10.33
N PHE B 55 -27.67 7.17 -9.73
CA PHE B 55 -27.09 7.07 -8.35
C PHE B 55 -25.64 6.63 -8.53
N PHE B 56 -24.73 7.43 -8.03
CA PHE B 56 -23.27 7.12 -8.00
C PHE B 56 -23.00 6.66 -6.55
N ASP B 57 -22.70 5.36 -6.41
CA ASP B 57 -22.47 4.71 -5.12
C ASP B 57 -20.98 4.70 -4.85
N ILE B 58 -20.54 5.51 -3.89
CA ILE B 58 -19.10 5.60 -3.65
C ILE B 58 -18.53 4.26 -3.17
N ASP B 59 -19.40 3.36 -2.66
CA ASP B 59 -18.93 1.99 -2.31
C ASP B 59 -18.71 1.09 -3.53
N ARG B 60 -19.14 1.52 -4.69
CA ARG B 60 -18.78 0.82 -5.94
C ARG B 60 -17.68 1.53 -6.66
N SER B 61 -17.17 2.59 -6.07
CA SER B 61 -16.15 3.27 -6.78
C SER B 61 -15.02 3.42 -5.74
N SER B 62 -14.69 2.32 -5.09
CA SER B 62 -13.54 2.34 -4.17
C SER B 62 -12.75 1.05 -4.29
N ASP B 63 -11.55 1.06 -3.76
CA ASP B 63 -10.73 -0.16 -3.70
C ASP B 63 -11.06 -1.00 -2.49
N HIS B 64 -11.85 -2.02 -2.71
CA HIS B 64 -12.20 -2.93 -1.59
C HIS B 64 -11.08 -3.83 -1.10
N THR B 65 -9.96 -3.87 -1.79
CA THR B 65 -8.83 -4.70 -1.31
C THR B 65 -8.04 -3.99 -0.21
N SER B 66 -8.28 -2.69 -0.02
CA SER B 66 -7.60 -1.95 1.00
C SER B 66 -8.23 -2.20 2.38
N PRO B 67 -7.41 -2.23 3.43
CA PRO B 67 -7.98 -2.28 4.80
C PRO B 67 -8.50 -0.92 5.26
N TYR B 68 -8.26 0.12 4.47
CA TYR B 68 -8.62 1.47 4.87
C TYR B 68 -9.89 1.80 4.15
N ASP B 69 -10.41 3.00 4.41
CA ASP B 69 -11.74 3.33 3.98
C ASP B 69 -11.75 4.30 2.75
N HIS B 70 -12.81 4.16 1.95
CA HIS B 70 -13.02 4.96 0.78
C HIS B 70 -11.73 5.30 -0.01
N MET B 71 -11.02 4.23 -0.38
CA MET B 71 -9.80 4.38 -1.15
C MET B 71 -10.11 4.41 -2.67
N LEU B 72 -9.43 5.28 -3.40
CA LEU B 72 -9.61 5.35 -4.85
C LEU B 72 -9.52 3.97 -5.46
N PRO B 73 -10.42 3.64 -6.38
CA PRO B 73 -10.31 2.42 -7.17
C PRO B 73 -9.20 2.62 -8.20
N ASN B 74 -8.84 1.57 -8.93
CA ASN B 74 -8.04 1.75 -10.06
C ASN B 74 -8.80 2.33 -11.25
N ALA B 75 -8.02 2.85 -12.21
CA ALA B 75 -8.65 3.55 -13.35
C ALA B 75 -9.66 2.71 -14.13
N THR B 76 -9.34 1.46 -14.40
CA THR B 76 -10.24 0.59 -15.16
C THR B 76 -11.54 0.39 -14.44
N HIS B 77 -11.46 0.15 -13.13
CA HIS B 77 -12.66 0.03 -12.35
C HIS B 77 -13.51 1.29 -12.40
N PHE B 78 -12.90 2.46 -12.13
CA PHE B 78 -13.66 3.72 -12.19
C PHE B 78 -14.31 3.92 -13.58
N ALA B 79 -13.53 3.70 -14.65
CA ALA B 79 -14.05 3.86 -16.04
C ALA B 79 -15.25 2.99 -16.32
N ASP B 80 -15.17 1.71 -15.92
CA ASP B 80 -16.27 0.80 -16.12
C ASP B 80 -17.46 1.26 -15.36
N TYR B 81 -17.26 1.78 -14.15
CA TYR B 81 -18.38 2.24 -13.36
C TYR B 81 -19.03 3.48 -13.92
N ALA B 82 -18.21 4.51 -14.20
CA ALA B 82 -18.71 5.76 -14.77
C ALA B 82 -19.38 5.54 -16.13
N GLY B 83 -18.83 4.71 -16.99
CA GLY B 83 -19.51 4.43 -18.25
C GLY B 83 -20.86 3.72 -18.03
N SER B 84 -20.95 2.83 -17.03
CA SER B 84 -22.19 2.16 -16.66
C SER B 84 -23.31 3.14 -16.22
N LEU B 85 -22.91 4.34 -15.75
CA LEU B 85 -23.86 5.36 -15.41
C LEU B 85 -24.17 6.33 -16.54
N GLY B 86 -23.65 6.04 -17.73
CA GLY B 86 -23.89 6.78 -18.92
C GLY B 86 -23.03 8.02 -19.14
N VAL B 87 -21.84 8.07 -18.52
CA VAL B 87 -20.94 9.19 -18.65
C VAL B 87 -19.95 8.91 -19.72
N SER B 88 -19.74 9.88 -20.61
CA SER B 88 -18.65 9.80 -21.60
C SER B 88 -17.78 11.04 -21.50
N ALA B 89 -16.73 11.10 -22.34
CA ALA B 89 -15.86 12.27 -22.39
C ALA B 89 -16.59 13.59 -22.64
N ALA B 90 -17.68 13.52 -23.40
CA ALA B 90 -18.46 14.69 -23.75
C ALA B 90 -19.33 15.23 -22.62
N THR B 91 -19.64 14.38 -21.63
CA THR B 91 -20.58 14.71 -20.59
C THR B 91 -20.14 15.80 -19.65
N HIS B 92 -21.07 16.73 -19.39
CA HIS B 92 -20.99 17.59 -18.23
C HIS B 92 -21.66 16.92 -17.09
N VAL B 93 -20.85 16.47 -16.14
CA VAL B 93 -21.34 15.71 -15.00
C VAL B 93 -21.61 16.70 -13.94
N VAL B 94 -22.76 16.58 -13.30
CA VAL B 94 -23.13 17.45 -12.18
C VAL B 94 -23.50 16.53 -11.03
N ILE B 95 -22.81 16.73 -9.90
CA ILE B 95 -22.96 15.86 -8.76
C ILE B 95 -23.63 16.64 -7.65
N TYR B 96 -24.51 15.91 -6.98
CA TYR B 96 -25.16 16.36 -5.79
C TYR B 96 -25.25 15.30 -4.70
N ASP B 97 -25.63 15.70 -3.47
CA ASP B 97 -26.06 14.70 -2.49
C ASP B 97 -27.24 15.28 -1.70
N GLY B 98 -27.80 14.43 -0.85
CA GLY B 98 -28.97 14.79 -0.09
C GLY B 98 -28.65 15.14 1.34
N SER B 99 -27.39 15.44 1.66
CA SER B 99 -27.01 15.71 2.99
C SER B 99 -27.67 16.91 3.68
N ASP B 100 -27.73 16.88 5.02
CA ASP B 100 -28.25 18.06 5.78
C ASP B 100 -27.39 19.28 5.66
N GLN B 101 -26.11 19.07 5.36
CA GLN B 101 -25.19 20.13 5.22
C GLN B 101 -25.33 20.91 3.91
N GLY B 102 -25.89 20.29 2.90
CA GLY B 102 -25.96 20.86 1.54
C GLY B 102 -25.13 20.02 0.63
N LEU B 103 -23.82 19.99 0.83
CA LEU B 103 -22.97 18.97 0.14
C LEU B 103 -22.04 18.35 1.19
N TYR B 104 -21.76 17.07 1.01
CA TYR B 104 -21.10 16.30 2.01
C TYR B 104 -20.13 15.33 1.36
N SER B 105 -20.70 14.37 0.65
CA SER B 105 -19.92 13.37 -0.12
C SER B 105 -19.78 13.65 -1.60
N ALA B 106 -20.67 14.46 -2.14
CA ALA B 106 -20.55 14.91 -3.55
C ALA B 106 -19.17 15.50 -3.94
N PRO B 107 -18.56 16.40 -3.13
CA PRO B 107 -17.24 16.90 -3.49
C PRO B 107 -16.20 15.82 -3.77
N ARG B 108 -16.26 14.68 -3.05
CA ARG B 108 -15.33 13.60 -3.25
C ARG B 108 -15.47 13.10 -4.70
N VAL B 109 -16.70 13.04 -5.22
CA VAL B 109 -16.90 12.47 -6.56
C VAL B 109 -16.49 13.51 -7.59
N TRP B 110 -16.74 14.80 -7.35
CA TRP B 110 -16.21 15.86 -8.23
C TRP B 110 -14.68 15.70 -8.36
N TRP B 111 -14.01 15.53 -7.23
CA TRP B 111 -12.53 15.33 -7.22
C TRP B 111 -12.09 14.07 -7.93
N MET B 112 -12.78 12.96 -7.69
N MET B 112 -12.79 12.96 -7.68
CA MET B 112 -12.46 11.70 -8.35
CA MET B 112 -12.49 11.67 -8.31
C MET B 112 -12.55 11.78 -9.87
C MET B 112 -12.56 11.76 -9.85
N PHE B 113 -13.61 12.42 -10.38
CA PHE B 113 -13.74 12.54 -11.83
C PHE B 113 -12.52 13.28 -12.39
N ARG B 114 -12.21 14.38 -11.74
CA ARG B 114 -11.08 15.23 -12.16
C ARG B 114 -9.76 14.46 -12.07
N ALA B 115 -9.59 13.74 -10.97
CA ALA B 115 -8.37 12.88 -10.77
C ALA B 115 -8.21 11.82 -11.84
N PHE B 116 -9.32 11.34 -12.40
CA PHE B 116 -9.30 10.33 -13.47
C PHE B 116 -9.39 10.92 -14.87
N GLY B 117 -9.26 12.22 -14.92
CA GLY B 117 -9.09 12.91 -16.23
C GLY B 117 -10.39 13.41 -16.89
N HIS B 118 -11.47 13.49 -16.11
CA HIS B 118 -12.73 14.05 -16.60
C HIS B 118 -12.98 15.42 -15.96
N HIS B 119 -12.70 16.50 -16.69
CA HIS B 119 -12.65 17.82 -16.02
C HIS B 119 -13.96 18.62 -16.16
N SER B 120 -14.85 18.14 -17.03
CA SER B 120 -16.16 18.82 -17.20
C SER B 120 -17.15 18.29 -16.17
N VAL B 121 -16.93 18.71 -14.94
CA VAL B 121 -17.66 18.17 -13.79
C VAL B 121 -17.82 19.31 -12.81
N SER B 122 -19.05 19.42 -12.26
CA SER B 122 -19.43 20.46 -11.30
C SER B 122 -20.25 19.84 -10.16
N LEU B 123 -20.43 20.62 -9.12
CA LEU B 123 -21.31 20.28 -8.01
C LEU B 123 -22.52 21.18 -8.02
N LEU B 124 -23.66 20.63 -7.60
CA LEU B 124 -24.87 21.40 -7.41
C LEU B 124 -24.85 22.07 -6.05
N ASP B 125 -24.69 23.38 -6.08
CA ASP B 125 -24.61 24.16 -4.92
C ASP B 125 -25.91 24.00 -4.11
N GLY B 126 -25.79 23.62 -2.85
CA GLY B 126 -26.97 23.43 -1.99
C GLY B 126 -27.53 22.06 -1.98
N GLY B 127 -27.10 21.24 -2.97
CA GLY B 127 -27.48 19.84 -3.06
C GLY B 127 -28.99 19.64 -3.14
N PHE B 128 -29.45 18.46 -2.72
CA PHE B 128 -30.84 18.14 -2.82
C PHE B 128 -31.60 18.92 -1.81
N ARG B 129 -30.97 19.23 -0.69
CA ARG B 129 -31.58 20.06 0.37
C ARG B 129 -32.18 21.34 -0.19
N HIS B 130 -31.33 22.05 -0.91
CA HIS B 130 -31.77 23.29 -1.54
C HIS B 130 -32.76 23.04 -2.68
N TRP B 131 -32.55 22.00 -3.49
CA TRP B 131 -33.51 21.63 -4.54
C TRP B 131 -34.92 21.41 -3.95
N LEU B 132 -34.99 20.60 -2.92
CA LEU B 132 -36.30 20.37 -2.24
C LEU B 132 -36.82 21.64 -1.57
N ASN B 133 -35.95 22.41 -0.99
CA ASN B 133 -36.34 23.69 -0.36
C ASN B 133 -37.07 24.58 -1.35
N GLN B 134 -36.54 24.64 -2.57
CA GLN B 134 -37.09 25.41 -3.65
C GLN B 134 -38.29 24.73 -4.31
N ASN B 135 -38.76 23.62 -3.80
CA ASN B 135 -39.85 22.84 -4.42
C ASN B 135 -39.70 22.53 -5.91
N LEU B 136 -38.50 22.13 -6.32
CA LEU B 136 -38.23 21.94 -7.74
C LEU B 136 -38.61 20.53 -8.08
N PRO B 137 -38.76 20.20 -9.36
CA PRO B 137 -39.37 18.90 -9.69
C PRO B 137 -38.50 17.72 -9.29
N ILE B 138 -39.15 16.60 -9.00
CA ILE B 138 -38.46 15.38 -8.56
C ILE B 138 -39.05 14.18 -9.29
N SER B 139 -38.29 13.11 -9.34
CA SER B 139 -38.70 11.86 -9.89
C SER B 139 -38.36 10.78 -8.87
N SER B 140 -38.94 9.61 -9.13
CA SER B 140 -38.77 8.43 -8.27
C SER B 140 -38.45 7.25 -9.12
N GLY B 141 -37.93 6.20 -8.50
CA GLY B 141 -37.53 5.01 -9.23
C GLY B 141 -36.04 4.69 -9.12
N LYS B 142 -35.71 3.42 -9.28
CA LYS B 142 -34.33 2.98 -9.24
C LYS B 142 -33.53 3.59 -10.33
N SER B 143 -32.26 3.81 -9.98
CA SER B 143 -31.29 4.35 -10.95
C SER B 143 -31.14 3.43 -12.19
N HIS B 144 -31.00 4.04 -13.34
CA HIS B 144 -30.62 3.32 -14.53
C HIS B 144 -30.10 4.23 -15.61
N SER B 145 -29.41 3.66 -16.58
CA SER B 145 -28.88 4.46 -17.68
C SER B 145 -28.48 3.52 -18.74
N GLU B 146 -28.46 3.99 -19.99
CA GLU B 146 -27.70 3.25 -21.00
C GLU B 146 -26.20 3.42 -20.70
N PRO B 147 -25.39 2.44 -21.04
CA PRO B 147 -23.97 2.62 -20.90
C PRO B 147 -23.40 3.59 -21.98
N ALA B 148 -22.29 4.19 -21.63
CA ALA B 148 -21.45 5.06 -22.42
C ALA B 148 -19.98 4.66 -22.34
N GLU B 149 -19.23 4.99 -23.35
CA GLU B 149 -17.80 4.66 -23.41
C GLU B 149 -17.08 5.73 -22.59
N PHE B 150 -16.26 5.31 -21.64
CA PHE B 150 -15.53 6.21 -20.74
C PHE B 150 -14.16 5.64 -20.54
N SER B 151 -13.13 6.47 -20.60
N SER B 151 -13.14 6.49 -20.58
CA SER B 151 -11.79 6.04 -20.26
CA SER B 151 -11.76 6.11 -20.34
C SER B 151 -11.35 6.93 -19.10
C SER B 151 -11.13 7.02 -19.24
N ALA B 152 -10.44 6.40 -18.29
CA ALA B 152 -9.87 7.06 -17.19
C ALA B 152 -8.36 6.87 -17.18
N GLN B 153 -7.68 7.87 -16.62
CA GLN B 153 -6.29 7.72 -16.19
C GLN B 153 -6.08 8.58 -14.94
N LEU B 154 -5.52 7.95 -13.93
CA LEU B 154 -5.22 8.63 -12.68
C LEU B 154 -4.05 9.61 -12.79
N ASP B 155 -4.30 10.88 -12.48
CA ASP B 155 -3.21 11.85 -12.33
C ASP B 155 -2.77 11.77 -10.84
N PRO B 156 -1.61 11.15 -10.57
CA PRO B 156 -1.12 11.01 -9.20
C PRO B 156 -0.90 12.28 -8.39
N SER B 157 -0.80 13.42 -9.03
CA SER B 157 -0.72 14.67 -8.30
C SER B 157 -1.98 14.96 -7.49
N PHE B 158 -3.05 14.20 -7.71
CA PHE B 158 -4.30 14.41 -6.91
C PHE B 158 -4.24 13.77 -5.54
N ILE B 159 -3.23 12.93 -5.27
CA ILE B 159 -3.18 12.09 -4.10
C ILE B 159 -1.88 12.27 -3.35
N LYS B 160 -1.95 12.19 -2.02
CA LYS B 160 -0.77 11.94 -1.22
C LYS B 160 -0.92 10.66 -0.48
N THR B 161 0.21 10.03 -0.24
CA THR B 161 0.23 8.74 0.44
C THR B 161 0.73 8.87 1.90
N HIS B 162 0.53 7.80 2.66
CA HIS B 162 1.02 7.78 4.05
C HIS B 162 2.53 8.14 4.11
N GLU B 163 3.32 7.58 3.21
CA GLU B 163 4.76 7.86 3.23
C GLU B 163 5.00 9.36 3.04
N ASP B 164 4.24 10.02 2.16
CA ASP B 164 4.39 11.49 1.98
C ASP B 164 4.04 12.30 3.27
N ILE B 165 2.93 11.95 3.96
CA ILE B 165 2.51 12.62 5.15
C ILE B 165 3.56 12.38 6.22
N LEU B 166 4.04 11.17 6.34
CA LEU B 166 5.03 10.89 7.39
C LEU B 166 6.39 11.70 7.14
N GLU B 167 6.87 11.73 5.90
CA GLU B 167 8.09 12.42 5.53
C GLU B 167 7.90 13.90 5.80
N ASN B 168 6.68 14.38 5.54
CA ASN B 168 6.30 15.80 5.78
C ASN B 168 6.25 16.25 7.22
N LEU B 169 6.21 15.34 8.18
CA LEU B 169 6.31 15.73 9.61
C LEU B 169 7.56 16.53 9.87
N ASP B 170 8.64 16.07 9.33
CA ASP B 170 9.94 16.76 9.50
C ASP B 170 10.19 17.72 8.37
N ALA B 171 9.87 17.33 7.14
CA ALA B 171 10.20 18.19 6.00
C ALA B 171 9.35 19.46 5.88
N ARG B 172 8.06 19.38 6.23
CA ARG B 172 7.15 20.50 6.30
C ARG B 172 7.12 21.24 4.96
N ARG B 173 7.11 20.46 3.90
CA ARG B 173 6.97 21.00 2.58
C ARG B 173 5.51 21.31 2.16
N PHE B 174 4.53 20.74 2.83
CA PHE B 174 3.16 21.13 2.59
C PHE B 174 2.39 21.28 3.86
N GLN B 175 1.35 22.11 3.86
CA GLN B 175 0.46 22.32 4.98
C GLN B 175 -0.62 21.25 4.92
N VAL B 176 -0.93 20.62 6.01
CA VAL B 176 -1.97 19.61 6.02
C VAL B 176 -3.20 20.22 6.72
N VAL B 177 -4.36 20.18 6.07
CA VAL B 177 -5.59 20.70 6.64
C VAL B 177 -6.63 19.57 6.73
N ASP B 178 -7.11 19.37 7.92
CA ASP B 178 -8.02 18.33 8.27
C ASP B 178 -9.46 18.84 8.39
N ALA B 179 -10.36 18.26 7.62
CA ALA B 179 -11.71 18.65 7.52
C ALA B 179 -12.64 17.98 8.53
N ARG B 180 -12.12 17.20 9.49
CA ARG B 180 -13.03 16.53 10.51
C ARG B 180 -13.63 17.57 11.50
N ALA B 181 -14.75 17.26 12.10
CA ALA B 181 -15.26 18.04 13.25
C ALA B 181 -14.18 18.30 14.29
N ALA B 182 -14.18 19.49 14.88
CA ALA B 182 -13.19 19.89 15.88
C ALA B 182 -12.94 18.87 16.99
N GLY B 183 -14.03 18.30 17.54
CA GLY B 183 -13.89 17.35 18.65
C GLY B 183 -13.08 16.08 18.27
N ARG B 184 -13.31 15.62 17.06
CA ARG B 184 -12.54 14.51 16.51
C ARG B 184 -11.06 14.86 16.33
N PHE B 185 -10.78 16.02 15.75
CA PHE B 185 -9.43 16.48 15.57
C PHE B 185 -8.73 16.63 16.91
N GLN B 186 -9.41 17.24 17.87
CA GLN B 186 -8.81 17.45 19.19
C GLN B 186 -8.66 16.15 20.03
N GLY B 187 -9.48 15.14 19.79
CA GLY B 187 -9.35 13.86 20.49
C GLY B 187 -10.36 13.65 21.57
N THR B 188 -11.40 14.51 21.57
CA THR B 188 -12.47 14.54 22.59
C THR B 188 -13.81 13.95 22.17
N GLN B 189 -13.96 13.52 20.91
CA GLN B 189 -15.22 13.03 20.34
C GLN B 189 -14.86 11.85 19.46
N PRO B 190 -15.73 10.84 19.36
CA PRO B 190 -15.23 9.51 18.88
C PRO B 190 -15.11 9.47 17.38
N GLU B 191 -14.27 8.61 16.89
CA GLU B 191 -14.25 8.36 15.47
C GLU B 191 -15.35 7.40 15.20
N PRO B 192 -16.00 7.50 14.01
CA PRO B 192 -17.04 6.60 13.66
C PRO B 192 -16.59 5.16 13.46
N ARG B 193 -15.33 4.96 13.03
CA ARG B 193 -14.84 3.55 12.92
C ARG B 193 -14.47 2.89 14.24
N ASP B 194 -14.94 1.68 14.47
CA ASP B 194 -14.51 0.97 15.65
C ASP B 194 -13.03 0.65 15.51
N GLY B 195 -12.28 0.82 16.60
CA GLY B 195 -10.88 0.53 16.60
C GLY B 195 -10.01 1.71 16.16
N ILE B 196 -10.63 2.83 15.79
CA ILE B 196 -9.95 4.06 15.50
C ILE B 196 -10.26 5.07 16.59
N GLU B 197 -9.21 5.61 17.21
CA GLU B 197 -9.41 6.63 18.19
C GLU B 197 -9.13 7.99 17.61
N PRO B 198 -9.70 9.02 18.19
CA PRO B 198 -9.53 10.38 17.61
C PRO B 198 -8.21 11.00 17.91
N GLY B 199 -8.04 12.24 17.45
CA GLY B 199 -6.82 12.98 17.50
C GLY B 199 -6.39 13.45 16.12
N HIS B 200 -5.20 14.01 16.01
CA HIS B 200 -4.70 14.58 14.78
C HIS B 200 -3.26 14.32 14.45
N ILE B 201 -2.94 14.58 13.17
CA ILE B 201 -1.64 14.40 12.61
C ILE B 201 -0.79 15.60 13.14
N PRO B 202 0.42 15.32 13.67
CA PRO B 202 1.28 16.44 14.17
C PRO B 202 1.48 17.47 13.07
N GLY B 203 1.24 18.74 13.42
CA GLY B 203 1.56 19.82 12.58
C GLY B 203 0.38 20.19 11.70
N SER B 204 -0.64 19.35 11.65
CA SER B 204 -1.85 19.64 10.84
C SER B 204 -2.70 20.78 11.42
N VAL B 205 -3.55 21.39 10.58
CA VAL B 205 -4.49 22.42 11.00
C VAL B 205 -5.92 21.99 10.72
N ASN B 206 -6.85 22.28 11.64
CA ASN B 206 -8.22 21.88 11.50
C ASN B 206 -9.07 22.95 10.84
N ILE B 207 -9.68 22.66 9.67
CA ILE B 207 -10.77 23.50 9.18
C ILE B 207 -11.92 22.54 8.93
N PRO B 208 -12.77 22.32 9.91
CA PRO B 208 -13.89 21.45 9.70
C PRO B 208 -14.74 21.73 8.43
N PHE B 209 -15.15 20.68 7.73
CA PHE B 209 -15.73 20.94 6.38
C PHE B 209 -16.95 21.85 6.42
N THR B 210 -17.62 21.87 7.55
CA THR B 210 -18.80 22.69 7.73
C THR B 210 -18.52 24.18 7.62
N GLU B 211 -17.28 24.61 7.85
CA GLU B 211 -16.91 26.03 7.78
C GLU B 211 -16.96 26.60 6.35
N PHE B 212 -16.98 25.70 5.36
CA PHE B 212 -17.02 26.16 3.97
C PHE B 212 -18.42 26.47 3.52
N LEU B 213 -19.42 26.11 4.31
CA LEU B 213 -20.83 26.17 3.92
C LEU B 213 -21.51 27.23 4.71
N THR B 214 -22.52 27.88 4.11
CA THR B 214 -23.36 28.81 4.89
C THR B 214 -24.45 27.99 5.65
N ASN B 215 -25.28 28.64 6.48
CA ASN B 215 -26.40 27.91 7.08
C ASN B 215 -27.57 27.58 6.13
N GLU B 216 -27.58 28.09 4.91
CA GLU B 216 -28.56 27.64 3.91
C GLU B 216 -28.09 26.33 3.22
N GLY B 217 -26.87 25.89 3.52
CA GLY B 217 -26.31 24.77 2.77
C GLY B 217 -25.61 25.13 1.49
N LEU B 218 -25.31 26.41 1.30
CA LEU B 218 -24.66 26.86 0.12
C LEU B 218 -23.19 27.11 0.41
N GLU B 219 -22.39 27.02 -0.63
CA GLU B 219 -20.98 27.27 -0.48
C GLU B 219 -20.81 28.77 -0.13
N LYS B 220 -19.88 29.04 0.78
CA LYS B 220 -19.49 30.42 1.05
C LYS B 220 -18.83 31.02 -0.15
N SER B 221 -18.76 32.36 -0.27
CA SER B 221 -18.14 32.94 -1.42
C SER B 221 -16.66 32.76 -1.36
N PRO B 222 -16.02 32.89 -2.52
CA PRO B 222 -14.58 32.85 -2.57
C PRO B 222 -13.89 33.81 -1.60
N GLU B 223 -14.44 35.00 -1.43
CA GLU B 223 -13.86 35.97 -0.51
C GLU B 223 -13.93 35.41 0.90
N GLU B 224 -15.07 34.87 1.30
CA GLU B 224 -15.21 34.34 2.62
C GLU B 224 -14.32 33.10 2.79
N ILE B 225 -14.08 32.35 1.71
CA ILE B 225 -13.25 31.13 1.84
C ILE B 225 -11.80 31.53 1.98
N LYS B 226 -11.31 32.50 1.17
CA LYS B 226 -9.93 33.00 1.32
C LYS B 226 -9.69 33.50 2.73
N ARG B 227 -10.69 34.21 3.29
CA ARG B 227 -10.57 34.75 4.64
C ARG B 227 -10.55 33.62 5.71
N LEU B 228 -11.36 32.57 5.50
CA LEU B 228 -11.37 31.39 6.36
C LEU B 228 -9.98 30.74 6.43
N PHE B 229 -9.35 30.58 5.27
CA PHE B 229 -7.97 29.98 5.21
C PHE B 229 -6.86 30.81 5.94
N LYS B 230 -6.85 32.11 5.66
CA LYS B 230 -5.90 33.08 6.29
C LYS B 230 -6.06 33.12 7.79
N GLU B 231 -7.30 33.24 8.24
CA GLU B 231 -7.59 33.25 9.65
C GLU B 231 -7.10 31.96 10.30
N LYS B 232 -7.19 30.82 9.61
CA LYS B 232 -6.70 29.54 10.14
C LYS B 232 -5.22 29.35 9.92
N LYS B 233 -4.52 30.42 9.58
CA LYS B 233 -3.08 30.42 9.38
C LYS B 233 -2.71 29.47 8.26
N VAL B 234 -3.56 29.39 7.25
CA VAL B 234 -3.24 28.59 6.09
C VAL B 234 -3.02 29.49 4.93
N ASP B 235 -1.90 29.26 4.26
CA ASP B 235 -1.42 30.14 3.22
C ASP B 235 -1.59 29.48 1.87
N LEU B 236 -2.53 30.01 1.09
CA LEU B 236 -2.89 29.47 -0.23
C LEU B 236 -1.87 29.68 -1.28
N SER B 237 -0.84 30.47 -1.01
CA SER B 237 0.25 30.58 -1.90
C SER B 237 1.22 29.43 -1.72
N LYS B 238 1.04 28.59 -0.68
CA LYS B 238 2.00 27.54 -0.41
C LYS B 238 1.28 26.18 -0.52
N PRO B 239 2.03 25.11 -0.69
CA PRO B 239 1.39 23.77 -0.91
C PRO B 239 0.49 23.35 0.22
N LEU B 240 -0.61 22.66 -0.13
CA LEU B 240 -1.62 22.38 0.85
C LEU B 240 -2.13 20.98 0.51
N VAL B 241 -2.36 20.15 1.52
CA VAL B 241 -2.91 18.79 1.33
C VAL B 241 -4.11 18.67 2.22
N ALA B 242 -5.19 18.09 1.68
CA ALA B 242 -6.42 17.91 2.44
C ALA B 242 -6.52 16.52 3.07
N THR B 243 -7.07 16.44 4.26
CA THR B 243 -7.30 15.14 4.92
C THR B 243 -8.56 15.19 5.76
N GLY B 245 -11.46 12.02 7.89
CA GLY B 245 -11.61 10.63 8.33
C GLY B 245 -11.13 9.59 7.33
N SER B 246 -11.66 9.61 6.10
CA SER B 246 -11.39 8.59 5.10
C SER B 246 -11.14 9.15 3.70
N GLY B 247 -10.94 10.46 3.59
CA GLY B 247 -10.65 11.13 2.30
C GLY B 247 -11.88 11.67 1.59
N VAL B 248 -13.04 11.58 2.23
CA VAL B 248 -14.32 12.10 1.61
C VAL B 248 -14.55 13.57 1.84
N THR B 249 -14.70 13.97 3.11
CA THR B 249 -15.04 15.38 3.41
C THR B 249 -13.82 16.32 3.20
N ALA B 250 -12.63 15.77 3.11
CA ALA B 250 -11.40 16.49 2.72
C ALA B 250 -11.60 17.21 1.42
N SER B 251 -12.44 16.66 0.57
CA SER B 251 -12.71 17.23 -0.74
C SER B 251 -13.39 18.62 -0.64
N HIS B 252 -13.94 18.95 0.53
CA HIS B 252 -14.40 20.33 0.76
C HIS B 252 -13.27 21.34 0.82
N VAL B 253 -12.12 20.88 1.34
CA VAL B 253 -10.95 21.73 1.45
C VAL B 253 -10.43 21.94 0.00
N VAL B 254 -10.45 20.88 -0.76
CA VAL B 254 -10.00 20.87 -2.13
C VAL B 254 -10.89 21.88 -2.91
N LEU B 255 -12.20 21.76 -2.70
CA LEU B 255 -13.17 22.60 -3.39
C LEU B 255 -12.99 24.07 -2.99
N GLY B 256 -12.83 24.33 -1.69
CA GLY B 256 -12.76 25.70 -1.27
C GLY B 256 -11.51 26.32 -1.92
N ALA B 257 -10.40 25.54 -1.94
CA ALA B 257 -9.15 25.98 -2.56
C ALA B 257 -9.32 26.28 -4.06
N PHE B 258 -10.01 25.36 -4.73
CA PHE B 258 -10.23 25.44 -6.17
C PHE B 258 -11.02 26.70 -6.48
N LEU B 259 -12.00 27.08 -5.67
CA LEU B 259 -12.88 28.27 -5.91
C LEU B 259 -12.07 29.53 -5.55
N SER B 260 -11.02 29.37 -4.74
CA SER B 260 -10.08 30.48 -4.44
C SER B 260 -8.90 30.59 -5.40
N GLY B 261 -8.95 29.86 -6.51
CA GLY B 261 -7.92 29.86 -7.61
C GLY B 261 -6.73 28.90 -7.41
N LYS B 262 -6.77 28.01 -6.41
CA LYS B 262 -5.68 27.02 -6.22
C LYS B 262 -6.22 25.63 -6.53
N SER B 263 -5.91 25.15 -7.70
CA SER B 263 -6.47 23.88 -8.19
C SER B 263 -5.64 22.66 -7.86
N ASP B 264 -4.49 22.83 -7.21
CA ASP B 264 -3.60 21.73 -6.88
C ASP B 264 -3.51 21.51 -5.35
N VAL B 265 -4.62 21.04 -4.78
CA VAL B 265 -4.65 20.56 -3.40
C VAL B 265 -4.97 19.02 -3.44
N PRO B 266 -3.98 18.21 -3.21
CA PRO B 266 -4.18 16.77 -3.24
C PRO B 266 -4.88 16.35 -2.01
N VAL B 267 -5.43 15.14 -2.06
CA VAL B 267 -6.10 14.51 -0.96
C VAL B 267 -5.22 13.39 -0.39
N TYR B 268 -5.05 13.38 0.93
CA TYR B 268 -4.44 12.26 1.61
C TYR B 268 -5.56 11.22 1.71
N ASP B 269 -5.66 10.36 0.71
CA ASP B 269 -6.78 9.43 0.58
C ASP B 269 -6.88 8.48 1.80
N GLY B 270 -5.74 8.00 2.30
CA GLY B 270 -5.81 7.15 3.47
C GLY B 270 -6.42 7.84 4.70
N SER B 271 -6.07 9.09 4.90
CA SER B 271 -6.69 10.01 5.84
C SER B 271 -6.53 9.42 7.26
N TRP B 272 -7.39 9.82 8.16
CA TRP B 272 -7.15 9.51 9.61
C TRP B 272 -7.22 8.04 9.90
N VAL B 273 -8.12 7.36 9.22
CA VAL B 273 -8.21 5.87 9.41
C VAL B 273 -6.85 5.25 9.15
N GLU B 274 -6.24 5.52 8.01
CA GLU B 274 -5.00 4.91 7.72
C GLU B 274 -3.87 5.42 8.67
N TRP B 275 -3.87 6.75 8.90
CA TRP B 275 -2.83 7.37 9.68
C TRP B 275 -2.82 6.73 11.09
N TYR B 276 -3.99 6.55 11.70
CA TYR B 276 -4.09 5.92 13.04
C TYR B 276 -3.61 4.45 13.00
N MET B 277 -4.04 3.72 12.00
N MET B 277 -4.08 3.73 11.98
CA MET B 277 -3.68 2.32 11.96
CA MET B 277 -3.76 2.33 11.82
C MET B 277 -2.18 2.16 11.78
C MET B 277 -2.27 2.07 11.59
N ARG B 278 -1.55 3.03 10.99
CA ARG B 278 -0.14 2.91 10.70
C ARG B 278 0.77 3.68 11.67
N ALA B 279 0.17 4.29 12.68
CA ALA B 279 0.86 5.20 13.59
C ALA B 279 1.77 4.53 14.59
N GLN B 280 2.92 5.15 14.83
CA GLN B 280 3.63 5.10 16.11
C GLN B 280 3.04 6.11 17.12
N PRO B 281 3.30 5.90 18.44
CA PRO B 281 2.59 6.74 19.41
C PRO B 281 2.84 8.25 19.25
N GLU B 282 4.01 8.59 18.72
CA GLU B 282 4.37 10.02 18.52
C GLU B 282 3.47 10.67 17.48
N HIS B 283 2.73 9.84 16.73
CA HIS B 283 2.03 10.37 15.56
C HIS B 283 0.61 10.70 15.81
N ILE B 284 0.14 10.52 17.05
N ILE B 284 0.16 10.49 17.04
CA ILE B 284 -1.24 10.79 17.38
CA ILE B 284 -1.20 10.80 17.42
C ILE B 284 -1.34 11.83 18.49
C ILE B 284 -1.16 11.89 18.48
N ILE B 285 -1.67 13.07 18.12
CA ILE B 285 -1.82 14.19 19.04
C ILE B 285 -3.27 14.19 19.48
N SER B 286 -3.54 14.00 20.79
CA SER B 286 -4.91 13.89 21.26
C SER B 286 -4.99 14.43 22.69
N GLU B 287 -6.05 15.14 23.01
CA GLU B 287 -6.40 15.43 24.41
C GLU B 287 -6.98 14.26 25.16
N GLY B 288 -7.44 13.24 24.45
CA GLY B 288 -7.91 12.04 25.05
C GLY B 288 -6.77 11.14 25.45
N ARG B 289 -7.01 10.40 26.52
CA ARG B 289 -6.10 9.39 27.00
C ARG B 289 -6.34 8.03 26.33
N GLY B 290 -5.33 7.47 25.67
CA GLY B 290 -5.48 6.11 25.13
C GLY B 290 -5.75 5.02 26.19
N LYS B 291 -6.03 3.78 25.75
CA LYS B 291 -6.34 2.65 26.68
C LYS B 291 -5.05 1.99 27.09
N THR B 292 -3.92 2.47 26.61
CA THR B 292 -2.65 2.06 27.17
C THR B 292 -1.86 3.21 27.87
N GLN B 293 -2.43 4.40 27.84
N GLN B 293 -2.41 4.42 27.88
CA GLN B 293 -1.93 5.52 28.61
CA GLN B 293 -1.78 5.53 28.62
C GLN B 293 -2.64 5.65 29.98
C GLN B 293 -2.34 5.67 30.05
#